data_7T15
#
_entry.id   7T15
#
_cell.length_a   90.669
_cell.length_b   90.669
_cell.length_c   116.785
_cell.angle_alpha   90.000
_cell.angle_beta   90.000
_cell.angle_gamma   120.000
#
_symmetry.space_group_name_H-M   'P 63'
#
loop_
_entity.id
_entity.type
_entity.pdbx_description
1 polymer 'Capsid protein p24'
2 water water
#
_entity_poly.entity_id   1
_entity_poly.type   'polypeptide(L)'
_entity_poly.pdbx_seq_one_letter_code
;PVVRNAQGQLTHNCISPRTLNAWVKAVEEKAFNPEVIPMFMALSCGATPQDLNTMLNTIGGHQAAMQILKEVINDEAAEW
DRTHPTHAGPIAPGQMREPRGSDIAGTTSSLEEQVGWMTANPPIPVGDIYRRWIVLGLNKIVKMYSPVSILDIKQGPKEP
FRDYVDRFYKTLRAEQASQDVKNAATDTLLIQNANPDCKNILRALGPGATLEEMMTACQGVGGPSHKARVL
;
_entity_poly.pdbx_strand_id   A,B
#
# COMPACT_ATOMS: atom_id res chain seq x y z
N PRO A 1 -16.99 -10.37 14.21
CA PRO A 1 -15.60 -10.76 14.42
C PRO A 1 -15.35 -11.20 15.87
N VAL A 2 -14.20 -11.83 16.12
CA VAL A 2 -13.77 -12.20 17.50
C VAL A 2 -12.60 -11.29 17.88
N VAL A 3 -12.71 -10.57 19.00
CA VAL A 3 -11.67 -9.60 19.46
C VAL A 3 -11.45 -9.74 20.96
N ARG A 4 -10.37 -9.14 21.47
CA ARG A 4 -10.09 -8.97 22.91
C ARG A 4 -10.77 -7.68 23.39
N ASN A 5 -11.66 -7.80 24.39
CA ASN A 5 -12.23 -6.63 25.13
C ASN A 5 -11.09 -5.98 25.93
N ALA A 6 -11.41 -4.99 26.77
CA ALA A 6 -10.42 -4.25 27.60
C ALA A 6 -10.01 -5.10 28.83
N GLN A 7 -10.76 -6.16 29.13
CA GLN A 7 -10.41 -7.20 30.14
C GLN A 7 -9.41 -8.21 29.53
N GLY A 8 -9.16 -8.11 28.22
CA GLY A 8 -8.12 -8.89 27.51
C GLY A 8 -8.61 -10.26 27.07
N GLN A 9 -9.92 -10.57 27.21
CA GLN A 9 -10.49 -11.89 26.83
C GLN A 9 -11.18 -11.82 25.46
N LEU A 10 -11.16 -12.96 24.76
CA LEU A 10 -11.71 -13.17 23.41
C LEU A 10 -13.24 -13.17 23.50
N THR A 11 -13.89 -12.38 22.65
CA THR A 11 -15.37 -12.26 22.62
C THR A 11 -15.84 -11.91 21.21
N HIS A 12 -17.07 -12.31 20.90
CA HIS A 12 -17.72 -12.06 19.61
C HIS A 12 -18.28 -10.63 19.62
N ASN A 13 -18.13 -9.90 18.52
CA ASN A 13 -18.86 -8.63 18.26
C ASN A 13 -19.57 -8.77 16.91
N CYS A 14 -20.73 -8.13 16.80
CA CYS A 14 -21.50 -7.98 15.55
C CYS A 14 -20.59 -7.31 14.52
N ILE A 15 -20.63 -7.76 13.27
CA ILE A 15 -19.94 -7.09 12.15
C ILE A 15 -20.41 -5.64 12.12
N SER A 16 -19.54 -4.68 11.87
CA SER A 16 -19.95 -3.25 11.94
C SER A 16 -20.55 -2.85 10.59
N PRO A 17 -21.59 -2.00 10.60
CA PRO A 17 -22.11 -1.41 9.37
C PRO A 17 -21.04 -0.72 8.52
N ARG A 18 -20.14 0.04 9.17
CA ARG A 18 -19.00 0.70 8.49
C ARG A 18 -18.17 -0.34 7.72
N THR A 19 -17.78 -1.43 8.39
CA THR A 19 -16.96 -2.51 7.75
C THR A 19 -17.73 -3.09 6.55
N LEU A 20 -19.00 -3.40 6.74
CA LEU A 20 -19.79 -4.05 5.67
C LEU A 20 -19.94 -3.10 4.48
N ASN A 21 -20.26 -1.85 4.75
CA ASN A 21 -20.48 -0.84 3.70
C ASN A 21 -19.15 -0.61 2.96
N ALA A 22 -18.02 -0.63 3.65
CA ALA A 22 -16.68 -0.44 3.04
C ALA A 22 -16.40 -1.57 2.05
N TRP A 23 -16.76 -2.80 2.40
CA TRP A 23 -16.56 -3.98 1.52
C TRP A 23 -17.47 -3.87 0.30
N VAL A 24 -18.74 -3.55 0.53
CA VAL A 24 -19.74 -3.43 -0.57
C VAL A 24 -19.26 -2.36 -1.54
N LYS A 25 -18.83 -1.22 -1.02
CA LYS A 25 -18.30 -0.12 -1.87
C LYS A 25 -16.97 -0.50 -2.53
N ALA A 26 -16.08 -1.23 -1.85
CA ALA A 26 -14.82 -1.71 -2.48
C ALA A 26 -15.17 -2.52 -3.72
N VAL A 27 -16.09 -3.47 -3.61
CA VAL A 27 -16.47 -4.33 -4.76
C VAL A 27 -17.12 -3.50 -5.88
N GLU A 28 -17.98 -2.52 -5.54
CA GLU A 28 -18.69 -1.65 -6.52
C GLU A 28 -17.68 -0.81 -7.28
N GLU A 29 -16.68 -0.25 -6.59
CA GLU A 29 -15.68 0.65 -7.20
C GLU A 29 -14.59 -0.17 -7.93
N LYS A 30 -14.05 -1.23 -7.34
CA LYS A 30 -12.76 -1.81 -7.80
C LYS A 30 -12.99 -3.12 -8.57
N ALA A 31 -14.23 -3.60 -8.61
CA ALA A 31 -14.64 -4.81 -9.38
C ALA A 31 -13.75 -5.95 -8.91
N PHE A 32 -12.97 -6.58 -9.80
CA PHE A 32 -11.96 -7.59 -9.46
C PHE A 32 -10.61 -7.18 -10.03
N ASN A 33 -10.26 -5.90 -9.85
CA ASN A 33 -8.87 -5.44 -9.87
C ASN A 33 -8.18 -6.11 -8.70
N PRO A 34 -6.87 -6.38 -8.85
CA PRO A 34 -6.11 -7.13 -7.84
C PRO A 34 -6.09 -6.48 -6.47
N GLU A 35 -6.23 -5.15 -6.37
CA GLU A 35 -6.20 -4.49 -5.04
C GLU A 35 -7.46 -4.87 -4.21
N VAL A 36 -8.50 -5.49 -4.79
CA VAL A 36 -9.71 -5.89 -4.00
CA VAL A 36 -9.71 -5.90 -4.01
C VAL A 36 -9.31 -6.95 -2.97
N ILE A 37 -8.28 -7.75 -3.24
CA ILE A 37 -7.88 -8.88 -2.36
C ILE A 37 -7.30 -8.33 -1.05
N PRO A 38 -6.26 -7.47 -1.06
CA PRO A 38 -5.78 -6.85 0.17
C PRO A 38 -6.89 -6.10 0.92
N MET A 39 -7.85 -5.48 0.23
CA MET A 39 -8.97 -4.79 0.90
CA MET A 39 -8.98 -4.79 0.89
C MET A 39 -9.82 -5.85 1.62
N PHE A 40 -10.10 -6.96 0.94
CA PHE A 40 -10.83 -8.10 1.54
C PHE A 40 -10.12 -8.59 2.79
N MET A 41 -8.79 -8.76 2.73
CA MET A 41 -8.02 -9.29 3.89
CA MET A 41 -8.03 -9.29 3.89
C MET A 41 -8.10 -8.29 5.04
N ALA A 42 -7.97 -6.99 4.76
CA ALA A 42 -8.01 -5.97 5.82
C ALA A 42 -9.40 -5.90 6.46
N LEU A 43 -10.47 -5.88 5.66
CA LEU A 43 -11.84 -5.63 6.19
C LEU A 43 -12.38 -6.91 6.87
N SER A 44 -11.83 -8.08 6.60
CA SER A 44 -12.27 -9.38 7.17
C SER A 44 -11.42 -9.76 8.39
N CYS A 45 -10.56 -8.87 8.86
CA CYS A 45 -9.69 -9.11 10.03
C CYS A 45 -10.56 -9.52 11.24
N GLY A 46 -10.19 -10.60 11.94
CA GLY A 46 -10.92 -11.20 13.07
C GLY A 46 -12.22 -11.90 12.68
N ALA A 47 -12.58 -12.02 11.40
CA ALA A 47 -13.90 -12.52 10.94
C ALA A 47 -14.16 -13.97 11.38
N THR A 48 -15.40 -14.27 11.79
CA THR A 48 -15.92 -15.66 11.86
C THR A 48 -16.29 -16.07 10.46
N PRO A 49 -16.41 -17.39 10.16
CA PRO A 49 -17.02 -17.83 8.90
C PRO A 49 -18.36 -17.15 8.60
N GLN A 50 -19.16 -16.90 9.63
CA GLN A 50 -20.48 -16.24 9.48
C GLN A 50 -20.28 -14.84 8.91
N ASP A 51 -19.35 -14.07 9.50
CA ASP A 51 -18.94 -12.73 9.00
C ASP A 51 -18.46 -12.82 7.56
N LEU A 52 -17.64 -13.81 7.22
CA LEU A 52 -17.10 -13.95 5.84
C LEU A 52 -18.24 -14.21 4.86
N ASN A 53 -19.19 -15.07 5.21
CA ASN A 53 -20.38 -15.32 4.37
C ASN A 53 -21.21 -14.04 4.24
N THR A 54 -21.41 -13.29 5.32
CA THR A 54 -22.10 -11.96 5.26
C THR A 54 -21.42 -11.11 4.20
N MET A 55 -20.11 -10.96 4.26
CA MET A 55 -19.34 -10.11 3.33
C MET A 55 -19.57 -10.56 1.88
N LEU A 56 -19.47 -11.86 1.59
CA LEU A 56 -19.66 -12.36 0.19
C LEU A 56 -21.14 -12.25 -0.21
N ASN A 57 -22.06 -12.62 0.67
CA ASN A 57 -23.49 -12.69 0.33
C ASN A 57 -24.08 -11.29 0.12
N THR A 58 -23.53 -10.25 0.74
CA THR A 58 -24.11 -8.90 0.61
C THR A 58 -23.83 -8.33 -0.79
N ILE A 59 -22.91 -8.93 -1.55
N ILE A 59 -22.91 -8.92 -1.55
CA ILE A 59 -22.63 -8.50 -2.95
CA ILE A 59 -22.62 -8.50 -2.95
C ILE A 59 -23.84 -8.87 -3.81
C ILE A 59 -23.84 -8.87 -3.81
N GLY A 60 -24.40 -7.89 -4.55
CA GLY A 60 -25.60 -8.07 -5.38
C GLY A 60 -25.29 -8.45 -6.82
N GLY A 61 -24.25 -7.89 -7.40
CA GLY A 61 -23.87 -8.24 -8.79
C GLY A 61 -22.83 -9.35 -8.82
N HIS A 62 -22.14 -9.44 -9.93
CA HIS A 62 -20.97 -10.34 -10.10
C HIS A 62 -21.33 -11.77 -9.73
N GLN A 63 -22.53 -12.25 -10.03
CA GLN A 63 -22.94 -13.60 -9.55
C GLN A 63 -22.15 -14.70 -10.30
N ALA A 64 -21.65 -14.47 -11.51
CA ALA A 64 -20.75 -15.44 -12.21
C ALA A 64 -19.52 -15.64 -11.32
N ALA A 65 -18.91 -14.54 -10.86
CA ALA A 65 -17.73 -14.60 -9.98
C ALA A 65 -18.07 -15.29 -8.66
N MET A 66 -19.24 -15.00 -8.09
N MET A 66 -19.24 -15.00 -8.09
CA MET A 66 -19.63 -15.58 -6.78
CA MET A 66 -19.64 -15.59 -6.78
C MET A 66 -19.78 -17.11 -6.91
C MET A 66 -19.79 -17.11 -6.91
N GLN A 67 -20.25 -17.60 -8.05
CA GLN A 67 -20.36 -19.07 -8.32
C GLN A 67 -18.95 -19.71 -8.52
N ILE A 68 -18.04 -19.02 -9.20
N ILE A 68 -18.04 -19.02 -9.21
CA ILE A 68 -16.62 -19.46 -9.34
CA ILE A 68 -16.61 -19.44 -9.34
C ILE A 68 -16.01 -19.55 -7.93
C ILE A 68 -16.01 -19.55 -7.94
N LEU A 69 -16.24 -18.54 -7.09
CA LEU A 69 -15.74 -18.52 -5.70
C LEU A 69 -16.27 -19.75 -4.94
N LYS A 70 -17.57 -20.05 -5.08
CA LYS A 70 -18.16 -21.24 -4.41
C LYS A 70 -17.50 -22.54 -4.90
N GLU A 71 -17.20 -22.70 -6.18
CA GLU A 71 -16.53 -23.92 -6.70
C GLU A 71 -15.19 -24.07 -5.93
N VAL A 72 -14.45 -22.98 -5.80
CA VAL A 72 -13.10 -23.00 -5.16
C VAL A 72 -13.27 -23.36 -3.69
N ILE A 73 -14.25 -22.76 -3.01
CA ILE A 73 -14.49 -23.02 -1.56
C ILE A 73 -14.80 -24.52 -1.40
N ASN A 74 -15.65 -25.07 -2.26
CA ASN A 74 -16.09 -26.49 -2.18
C ASN A 74 -14.88 -27.42 -2.42
N ASP A 75 -14.01 -27.08 -3.38
CA ASP A 75 -12.73 -27.79 -3.62
C ASP A 75 -11.87 -27.73 -2.35
N GLU A 76 -11.71 -26.57 -1.73
CA GLU A 76 -10.84 -26.43 -0.53
C GLU A 76 -11.47 -27.22 0.62
N ALA A 77 -12.79 -27.21 0.70
CA ALA A 77 -13.58 -27.94 1.72
C ALA A 77 -13.32 -29.44 1.60
N ALA A 78 -13.47 -30.00 0.39
CA ALA A 78 -13.28 -31.45 0.11
C ALA A 78 -11.84 -31.81 0.47
N GLU A 79 -10.87 -30.99 0.04
CA GLU A 79 -9.43 -31.25 0.32
C GLU A 79 -9.22 -31.29 1.85
N TRP A 80 -9.86 -30.41 2.62
CA TRP A 80 -9.69 -30.36 4.09
C TRP A 80 -10.18 -31.68 4.72
N ASP A 81 -11.36 -32.13 4.29
CA ASP A 81 -12.02 -33.38 4.76
C ASP A 81 -11.15 -34.59 4.42
N ARG A 82 -10.53 -34.59 3.24
CA ARG A 82 -9.63 -35.66 2.78
C ARG A 82 -8.43 -35.75 3.73
N THR A 83 -7.76 -34.62 4.02
CA THR A 83 -6.51 -34.56 4.83
C THR A 83 -6.82 -34.46 6.33
N HIS A 84 -8.10 -34.49 6.74
CA HIS A 84 -8.53 -34.53 8.16
C HIS A 84 -9.70 -35.51 8.24
N PRO A 85 -9.43 -36.84 8.22
CA PRO A 85 -10.43 -37.83 8.59
C PRO A 85 -10.69 -37.65 10.09
N THR A 86 -11.80 -38.19 10.62
CA THR A 86 -12.18 -38.13 12.05
C THR A 86 -12.08 -39.53 12.65
N ALA A 92 -13.03 -35.00 24.69
CA ALA A 92 -13.24 -34.91 26.15
C ALA A 92 -14.54 -34.14 26.43
N PRO A 93 -15.27 -34.45 27.52
CA PRO A 93 -16.55 -33.78 27.78
C PRO A 93 -16.43 -32.24 27.76
N GLY A 94 -17.33 -31.54 27.07
CA GLY A 94 -17.38 -30.06 27.07
C GLY A 94 -16.42 -29.44 26.05
N GLN A 95 -15.62 -30.25 25.34
CA GLN A 95 -14.74 -29.82 24.22
C GLN A 95 -15.52 -29.88 22.89
N MET A 96 -15.01 -29.23 21.85
CA MET A 96 -15.65 -29.11 20.51
C MET A 96 -15.41 -30.38 19.68
N ARG A 97 -16.46 -30.89 19.01
CA ARG A 97 -16.31 -31.80 17.83
C ARG A 97 -15.29 -31.18 16.86
N GLU A 98 -14.53 -31.97 16.10
CA GLU A 98 -13.56 -31.44 15.12
C GLU A 98 -14.33 -30.82 13.95
N PRO A 99 -13.81 -29.71 13.36
CA PRO A 99 -14.50 -29.06 12.23
C PRO A 99 -14.33 -29.83 10.90
N ARG A 100 -15.42 -29.98 10.13
CA ARG A 100 -15.38 -30.45 8.73
C ARG A 100 -15.19 -29.23 7.81
N GLY A 101 -14.97 -29.46 6.53
CA GLY A 101 -14.80 -28.41 5.51
C GLY A 101 -15.97 -27.45 5.52
N SER A 102 -17.18 -27.99 5.58
CA SER A 102 -18.46 -27.24 5.56
C SER A 102 -18.66 -26.48 6.88
N ASP A 103 -17.97 -26.86 7.96
CA ASP A 103 -18.01 -26.13 9.26
C ASP A 103 -17.11 -24.90 9.18
N ILE A 104 -15.95 -25.04 8.52
CA ILE A 104 -14.99 -23.93 8.30
C ILE A 104 -15.64 -22.88 7.37
N ALA A 105 -16.37 -23.32 6.34
CA ALA A 105 -17.05 -22.42 5.37
C ALA A 105 -18.36 -21.88 5.95
N GLY A 106 -18.73 -22.26 7.18
CA GLY A 106 -19.84 -21.69 7.96
C GLY A 106 -21.22 -22.15 7.49
N THR A 107 -21.29 -23.23 6.72
CA THR A 107 -22.53 -23.85 6.15
C THR A 107 -23.18 -24.76 7.20
N THR A 108 -22.39 -25.60 7.86
CA THR A 108 -22.90 -26.66 8.78
C THR A 108 -22.51 -26.36 10.23
N SER A 109 -21.96 -25.18 10.51
CA SER A 109 -21.51 -24.79 11.86
C SER A 109 -22.36 -23.63 12.33
N SER A 110 -22.62 -23.55 13.63
CA SER A 110 -23.30 -22.39 14.27
C SER A 110 -22.25 -21.33 14.63
N LEU A 111 -22.70 -20.09 14.86
CA LEU A 111 -21.81 -19.02 15.36
C LEU A 111 -21.13 -19.53 16.64
N GLU A 112 -21.90 -20.19 17.52
CA GLU A 112 -21.41 -20.60 18.86
C GLU A 112 -20.24 -21.57 18.68
N GLU A 113 -20.37 -22.50 17.73
CA GLU A 113 -19.32 -23.49 17.39
C GLU A 113 -18.09 -22.74 16.81
N GLN A 114 -18.31 -21.83 15.87
CA GLN A 114 -17.23 -21.04 15.21
C GLN A 114 -16.41 -20.29 16.28
N VAL A 115 -17.09 -19.57 17.17
CA VAL A 115 -16.43 -18.82 18.30
C VAL A 115 -15.76 -19.83 19.23
N GLY A 116 -16.46 -20.93 19.57
CA GLY A 116 -15.88 -22.04 20.33
C GLY A 116 -14.50 -22.44 19.78
N TRP A 117 -14.41 -22.74 18.48
CA TRP A 117 -13.16 -23.23 17.85
C TRP A 117 -12.09 -22.14 17.92
N MET A 118 -12.47 -20.90 17.65
CA MET A 118 -11.55 -19.75 17.49
C MET A 118 -10.99 -19.36 18.87
N THR A 119 -11.66 -19.75 19.97
CA THR A 119 -11.26 -19.43 21.37
C THR A 119 -10.96 -20.70 22.15
N ALA A 120 -10.83 -21.86 21.48
CA ALA A 120 -10.45 -23.15 22.10
C ALA A 120 -8.96 -23.11 22.44
N ASN A 121 -8.54 -23.98 23.36
CA ASN A 121 -7.14 -24.19 23.80
C ASN A 121 -6.69 -25.57 23.34
N PRO A 122 -5.86 -25.71 22.27
CA PRO A 122 -5.45 -24.59 21.42
C PRO A 122 -6.54 -24.17 20.44
N PRO A 123 -6.45 -22.97 19.83
CA PRO A 123 -7.47 -22.47 18.92
C PRO A 123 -7.40 -23.18 17.55
N ILE A 124 -8.57 -23.42 16.96
CA ILE A 124 -8.69 -23.77 15.52
C ILE A 124 -9.23 -22.52 14.84
N PRO A 125 -8.36 -21.79 14.10
CA PRO A 125 -8.73 -20.51 13.49
C PRO A 125 -9.57 -20.72 12.23
N VAL A 126 -10.85 -21.11 12.40
CA VAL A 126 -11.72 -21.49 11.24
C VAL A 126 -11.92 -20.25 10.38
N GLY A 127 -11.95 -19.08 11.02
CA GLY A 127 -12.04 -17.78 10.32
C GLY A 127 -10.87 -17.59 9.37
N ASP A 128 -9.65 -17.78 9.85
CA ASP A 128 -8.43 -17.57 9.04
C ASP A 128 -8.31 -18.66 7.97
N ILE A 129 -8.78 -19.88 8.25
CA ILE A 129 -8.71 -20.98 7.24
C ILE A 129 -9.66 -20.65 6.12
N TYR A 130 -10.89 -20.24 6.46
CA TYR A 130 -11.89 -19.88 5.44
C TYR A 130 -11.43 -18.66 4.63
N ARG A 131 -10.85 -17.64 5.28
CA ARG A 131 -10.35 -16.43 4.58
CA ARG A 131 -10.34 -16.43 4.58
C ARG A 131 -9.33 -16.86 3.51
N ARG A 132 -8.45 -17.80 3.85
CA ARG A 132 -7.43 -18.33 2.90
C ARG A 132 -8.15 -18.91 1.66
N TRP A 133 -9.19 -19.72 1.86
CA TRP A 133 -9.95 -20.36 0.76
C TRP A 133 -10.56 -19.29 -0.13
N ILE A 134 -11.10 -18.24 0.50
CA ILE A 134 -11.80 -17.14 -0.21
C ILE A 134 -10.78 -16.41 -1.07
N VAL A 135 -9.61 -16.10 -0.51
CA VAL A 135 -8.53 -15.38 -1.25
C VAL A 135 -8.10 -16.23 -2.46
N LEU A 136 -7.98 -17.54 -2.32
CA LEU A 136 -7.64 -18.44 -3.47
C LEU A 136 -8.70 -18.24 -4.58
N GLY A 137 -9.99 -18.17 -4.19
CA GLY A 137 -11.08 -17.92 -5.15
C GLY A 137 -11.00 -16.54 -5.75
N LEU A 138 -10.71 -15.52 -4.93
CA LEU A 138 -10.62 -14.14 -5.46
C LEU A 138 -9.42 -14.02 -6.43
N ASN A 139 -8.30 -14.66 -6.14
CA ASN A 139 -7.11 -14.69 -7.01
C ASN A 139 -7.49 -15.21 -8.39
N LYS A 140 -8.23 -16.31 -8.41
CA LYS A 140 -8.66 -16.98 -9.65
C LYS A 140 -9.56 -16.01 -10.41
N ILE A 141 -10.48 -15.33 -9.73
CA ILE A 141 -11.42 -14.39 -10.41
C ILE A 141 -10.60 -13.23 -10.99
N VAL A 142 -9.68 -12.71 -10.21
CA VAL A 142 -8.85 -11.56 -10.65
C VAL A 142 -8.11 -11.94 -11.95
N LYS A 143 -7.49 -13.13 -12.01
CA LYS A 143 -6.79 -13.58 -13.25
C LYS A 143 -7.80 -13.76 -14.39
N MET A 144 -8.93 -14.40 -14.13
CA MET A 144 -9.92 -14.62 -15.19
C MET A 144 -10.36 -13.28 -15.77
N TYR A 145 -10.65 -12.29 -14.93
CA TYR A 145 -11.24 -11.00 -15.36
C TYR A 145 -10.16 -10.01 -15.86
N SER A 146 -8.87 -10.28 -15.69
CA SER A 146 -7.80 -9.39 -16.23
C SER A 146 -8.13 -9.17 -17.70
N PRO A 147 -8.41 -7.94 -18.16
CA PRO A 147 -8.95 -7.77 -19.51
C PRO A 147 -7.91 -7.83 -20.65
N VAL A 148 -6.62 -7.60 -20.39
CA VAL A 148 -5.59 -7.51 -21.45
C VAL A 148 -4.40 -8.39 -21.05
N SER A 149 -3.97 -9.27 -21.95
CA SER A 149 -2.72 -10.07 -21.78
C SER A 149 -1.50 -9.13 -21.70
N ILE A 150 -0.52 -9.47 -20.87
CA ILE A 150 0.79 -8.75 -20.89
C ILE A 150 1.35 -8.69 -22.32
N LEU A 151 1.07 -9.68 -23.16
CA LEU A 151 1.58 -9.71 -24.56
C LEU A 151 1.08 -8.50 -25.35
N ASP A 152 -0.09 -7.96 -25.00
CA ASP A 152 -0.72 -6.85 -25.74
C ASP A 152 -0.54 -5.51 -24.99
N ILE A 153 0.28 -5.46 -23.92
CA ILE A 153 0.59 -4.16 -23.25
C ILE A 153 1.81 -3.57 -23.94
N LYS A 154 1.56 -2.60 -24.82
CA LYS A 154 2.58 -2.02 -25.72
C LYS A 154 2.49 -0.52 -25.58
N GLN A 155 3.63 0.15 -25.44
CA GLN A 155 3.61 1.62 -25.27
C GLN A 155 3.00 2.24 -26.53
N GLY A 156 1.99 3.10 -26.38
CA GLY A 156 1.45 3.93 -27.48
C GLY A 156 2.53 4.84 -28.04
N PRO A 157 2.42 5.31 -29.31
CA PRO A 157 3.47 6.14 -29.89
C PRO A 157 3.60 7.53 -29.22
N LYS A 158 2.57 7.99 -28.50
CA LYS A 158 2.62 9.27 -27.72
C LYS A 158 2.25 9.03 -26.25
N GLU A 159 2.25 7.80 -25.78
CA GLU A 159 1.98 7.46 -24.36
C GLU A 159 3.26 7.73 -23.58
N PRO A 160 3.26 8.57 -22.52
CA PRO A 160 4.42 8.71 -21.65
C PRO A 160 4.85 7.34 -21.08
N PHE A 161 6.14 7.13 -20.93
CA PHE A 161 6.72 5.86 -20.46
C PHE A 161 6.16 5.49 -19.08
N ARG A 162 6.05 6.45 -18.16
CA ARG A 162 5.49 6.22 -16.80
C ARG A 162 4.09 5.56 -16.91
N ASP A 163 3.23 6.06 -17.81
CA ASP A 163 1.84 5.54 -17.98
C ASP A 163 1.90 4.11 -18.54
N TYR A 164 2.81 3.83 -19.46
CA TYR A 164 3.03 2.47 -20.01
C TYR A 164 3.50 1.50 -18.92
N VAL A 165 4.48 1.92 -18.11
CA VAL A 165 5.04 1.07 -17.02
C VAL A 165 3.92 0.81 -15.99
N ASP A 166 3.11 1.82 -15.70
CA ASP A 166 1.92 1.64 -14.82
C ASP A 166 1.02 0.52 -15.35
N ARG A 167 0.69 0.54 -16.65
CA ARG A 167 -0.25 -0.44 -17.28
C ARG A 167 0.41 -1.83 -17.27
N PHE A 168 1.71 -1.84 -17.50
CA PHE A 168 2.50 -3.08 -17.58
C PHE A 168 2.47 -3.81 -16.23
N TYR A 169 2.87 -3.12 -15.17
CA TYR A 169 2.94 -3.76 -13.84
C TYR A 169 1.54 -3.99 -13.29
N LYS A 170 0.54 -3.21 -13.65
CA LYS A 170 -0.87 -3.47 -13.21
C LYS A 170 -1.34 -4.80 -13.85
N THR A 171 -1.06 -4.98 -15.13
CA THR A 171 -1.40 -6.24 -15.87
C THR A 171 -0.67 -7.41 -15.24
N LEU A 172 0.65 -7.32 -14.96
CA LEU A 172 1.38 -8.46 -14.36
C LEU A 172 0.77 -8.81 -13.00
N ARG A 173 0.40 -7.80 -12.22
CA ARG A 173 -0.17 -8.01 -10.87
C ARG A 173 -1.48 -8.85 -10.98
N ALA A 174 -2.39 -8.52 -11.90
CA ALA A 174 -3.67 -9.23 -12.13
C ALA A 174 -3.40 -10.65 -12.68
N GLU A 175 -2.44 -10.82 -13.61
CA GLU A 175 -2.20 -12.11 -14.29
C GLU A 175 -1.53 -13.04 -13.28
N GLN A 176 -0.85 -12.52 -12.28
CA GLN A 176 -0.21 -13.37 -11.27
C GLN A 176 -1.00 -13.26 -9.95
N ALA A 177 -2.02 -12.41 -9.92
CA ALA A 177 -2.76 -12.03 -8.69
C ALA A 177 -1.71 -11.82 -7.57
N SER A 178 -0.74 -10.92 -7.81
CA SER A 178 0.55 -10.81 -7.06
C SER A 178 1.47 -9.73 -7.66
N GLN A 179 2.20 -9.00 -6.81
CA GLN A 179 3.10 -7.87 -7.20
C GLN A 179 4.57 -8.29 -7.20
N ASP A 180 4.90 -9.59 -7.02
CA ASP A 180 6.29 -10.11 -7.22
C ASP A 180 6.45 -10.45 -8.71
N VAL A 181 6.58 -9.42 -9.52
CA VAL A 181 6.48 -9.50 -11.01
C VAL A 181 7.72 -8.89 -11.68
N LYS A 182 8.58 -8.17 -10.95
CA LYS A 182 9.79 -7.53 -11.55
C LYS A 182 10.97 -8.51 -11.47
N ASN A 183 11.72 -8.64 -12.55
CA ASN A 183 12.91 -9.53 -12.68
C ASN A 183 13.53 -9.30 -14.07
N ALA A 184 14.70 -9.89 -14.35
CA ALA A 184 15.54 -9.61 -15.55
C ALA A 184 14.73 -9.83 -16.85
N ALA A 185 13.84 -10.83 -16.83
CA ALA A 185 13.02 -11.24 -18.00
C ALA A 185 11.85 -10.28 -18.19
N THR A 186 11.16 -9.83 -17.11
CA THR A 186 10.07 -8.82 -17.28
C THR A 186 10.67 -7.48 -17.67
N ASP A 187 11.86 -7.12 -17.17
CA ASP A 187 12.65 -5.96 -17.68
C ASP A 187 12.83 -6.06 -19.19
N THR A 188 13.23 -7.24 -19.70
CA THR A 188 13.38 -7.49 -21.16
C THR A 188 12.04 -7.30 -21.90
N LEU A 189 10.96 -7.84 -21.38
CA LEU A 189 9.62 -7.67 -22.00
C LEU A 189 9.19 -6.19 -21.98
N LEU A 190 9.46 -5.48 -20.89
CA LEU A 190 9.12 -4.03 -20.78
C LEU A 190 9.80 -3.27 -21.93
N ILE A 191 11.05 -3.61 -22.21
CA ILE A 191 11.85 -2.98 -23.30
C ILE A 191 11.28 -3.39 -24.66
N GLN A 192 11.01 -4.68 -24.86
CA GLN A 192 10.53 -5.24 -26.15
C GLN A 192 9.26 -4.47 -26.57
N ASN A 193 8.37 -4.22 -25.63
CA ASN A 193 7.00 -3.68 -25.87
C ASN A 193 6.99 -2.14 -25.78
N ALA A 194 8.12 -1.47 -25.54
CA ALA A 194 8.20 0.00 -25.56
C ALA A 194 8.12 0.49 -27.02
N ASN A 195 7.77 1.77 -27.20
CA ASN A 195 7.64 2.38 -28.56
C ASN A 195 9.04 2.55 -29.12
N PRO A 196 9.19 2.74 -30.46
CA PRO A 196 10.50 2.73 -31.09
C PRO A 196 11.48 3.72 -30.45
N ASP A 197 11.03 4.96 -30.23
CA ASP A 197 11.87 6.03 -29.64
C ASP A 197 12.41 5.56 -28.28
N CYS A 198 11.52 5.23 -27.33
CA CYS A 198 11.94 4.83 -25.96
CA CYS A 198 11.92 4.82 -25.95
C CYS A 198 12.70 3.49 -26.03
N LYS A 199 12.28 2.57 -26.90
CA LYS A 199 12.99 1.28 -27.03
C LYS A 199 14.46 1.54 -27.40
N ASN A 200 14.71 2.40 -28.36
CA ASN A 200 16.09 2.71 -28.83
C ASN A 200 16.92 3.24 -27.65
N ILE A 201 16.34 4.15 -26.86
CA ILE A 201 16.97 4.75 -25.64
C ILE A 201 17.24 3.67 -24.58
N LEU A 202 16.26 2.81 -24.28
CA LEU A 202 16.38 1.73 -23.26
C LEU A 202 17.47 0.72 -23.65
N ARG A 203 17.56 0.34 -24.92
CA ARG A 203 18.62 -0.61 -25.38
C ARG A 203 20.00 0.01 -25.16
N ALA A 204 20.17 1.29 -25.45
CA ALA A 204 21.47 1.99 -25.31
C ALA A 204 21.90 2.06 -23.84
N LEU A 205 20.99 1.94 -22.87
CA LEU A 205 21.34 1.88 -21.41
C LEU A 205 22.18 0.63 -21.15
N GLY A 206 21.96 -0.43 -21.94
CA GLY A 206 22.63 -1.74 -21.78
C GLY A 206 22.01 -2.56 -20.66
N PRO A 207 22.59 -3.74 -20.33
CA PRO A 207 21.95 -4.70 -19.42
C PRO A 207 21.97 -4.23 -17.96
N GLY A 208 21.02 -4.69 -17.16
CA GLY A 208 21.01 -4.43 -15.70
C GLY A 208 20.44 -3.08 -15.30
N ALA A 209 20.03 -2.22 -16.25
CA ALA A 209 19.37 -0.91 -15.96
C ALA A 209 18.22 -1.13 -14.97
N THR A 210 18.21 -0.39 -13.86
CA THR A 210 17.09 -0.40 -12.88
C THR A 210 15.86 0.24 -13.51
N LEU A 211 14.71 0.04 -12.89
CA LEU A 211 13.43 0.70 -13.26
C LEU A 211 13.57 2.22 -13.14
N GLU A 212 14.17 2.71 -12.06
CA GLU A 212 14.45 4.16 -11.87
C GLU A 212 15.18 4.70 -13.10
N GLU A 213 16.29 4.06 -13.49
CA GLU A 213 17.14 4.52 -14.61
C GLU A 213 16.36 4.46 -15.93
N MET A 214 15.56 3.42 -16.16
CA MET A 214 14.75 3.33 -17.41
C MET A 214 13.71 4.45 -17.41
N MET A 215 13.02 4.65 -16.29
CA MET A 215 11.95 5.68 -16.19
C MET A 215 12.55 7.07 -16.36
N THR A 216 13.74 7.33 -15.78
CA THR A 216 14.47 8.61 -15.94
C THR A 216 14.86 8.81 -17.40
N ALA A 217 15.36 7.77 -18.09
CA ALA A 217 15.93 7.87 -19.46
C ALA A 217 14.84 8.12 -20.51
N CYS A 218 13.63 7.63 -20.30
CA CYS A 218 12.51 7.83 -21.25
C CYS A 218 11.60 8.98 -20.78
N GLN A 219 11.95 9.66 -19.70
CA GLN A 219 11.10 10.76 -19.15
C GLN A 219 11.11 11.93 -20.14
N GLY A 220 12.27 12.24 -20.74
CA GLY A 220 12.40 13.22 -21.85
C GLY A 220 12.20 12.58 -23.21
N PRO B 1 -2.84 -2.41 14.03
CA PRO B 1 -1.82 -1.68 14.81
C PRO B 1 -1.68 -2.29 16.21
N VAL B 2 -0.62 -1.93 16.92
CA VAL B 2 -0.43 -2.34 18.35
C VAL B 2 -0.62 -1.09 19.20
N VAL B 3 -1.60 -1.09 20.10
CA VAL B 3 -1.97 0.11 20.90
C VAL B 3 -2.24 -0.29 22.34
N ARG B 4 -2.27 0.72 23.22
CA ARG B 4 -2.69 0.60 24.64
C ARG B 4 -4.21 0.77 24.71
N ASN B 5 -4.90 -0.24 25.22
CA ASN B 5 -6.36 -0.21 25.49
C ASN B 5 -6.58 0.75 26.66
N ALA B 6 -7.80 0.84 27.20
CA ALA B 6 -8.16 1.73 28.32
C ALA B 6 -7.65 1.15 29.66
N GLN B 7 -7.27 -0.13 29.68
CA GLN B 7 -6.58 -0.82 30.80
C GLN B 7 -5.07 -0.48 30.77
N GLY B 8 -4.59 0.17 29.69
CA GLY B 8 -3.20 0.66 29.56
C GLY B 8 -2.23 -0.40 29.08
N GLN B 9 -2.72 -1.57 28.63
CA GLN B 9 -1.86 -2.69 28.12
C GLN B 9 -1.79 -2.68 26.58
N LEU B 10 -0.60 -3.02 26.05
CA LEU B 10 -0.30 -3.12 24.60
C LEU B 10 -1.01 -4.35 24.04
N THR B 11 -1.74 -4.18 22.94
CA THR B 11 -2.51 -5.27 22.26
C THR B 11 -2.68 -4.93 20.77
N HIS B 12 -2.82 -5.96 19.95
CA HIS B 12 -3.06 -5.86 18.49
C HIS B 12 -4.53 -5.52 18.25
N ASN B 13 -4.82 -4.57 17.37
CA ASN B 13 -6.18 -4.34 16.82
C ASN B 13 -6.10 -4.41 15.29
N CYS B 14 -7.19 -4.85 14.67
CA CYS B 14 -7.43 -4.81 13.21
C CYS B 14 -7.26 -3.37 12.74
N ILE B 15 -6.63 -3.14 11.60
CA ILE B 15 -6.59 -1.81 10.93
C ILE B 15 -8.03 -1.33 10.77
N SER B 16 -8.33 -0.05 11.01
CA SER B 16 -9.72 0.44 10.92
C SER B 16 -10.08 0.74 9.46
N PRO B 17 -11.32 0.46 9.05
CA PRO B 17 -11.81 0.87 7.73
C PRO B 17 -11.62 2.36 7.43
N ARG B 18 -11.91 3.22 8.42
CA ARG B 18 -11.66 4.69 8.31
C ARG B 18 -10.20 4.96 7.95
N THR B 19 -9.25 4.38 8.69
CA THR B 19 -7.79 4.58 8.44
C THR B 19 -7.45 4.10 7.02
N LEU B 20 -7.94 2.93 6.63
CA LEU B 20 -7.58 2.36 5.31
C LEU B 20 -8.12 3.26 4.21
N ASN B 21 -9.38 3.65 4.34
CA ASN B 21 -10.05 4.48 3.31
C ASN B 21 -9.35 5.84 3.23
N ALA B 22 -8.89 6.39 4.36
CA ALA B 22 -8.19 7.70 4.42
C ALA B 22 -6.89 7.62 3.60
N TRP B 23 -6.15 6.52 3.74
CA TRP B 23 -4.87 6.34 3.03
C TRP B 23 -5.15 6.16 1.54
N VAL B 24 -6.13 5.33 1.21
CA VAL B 24 -6.46 5.04 -0.21
C VAL B 24 -6.87 6.35 -0.88
N LYS B 25 -7.71 7.14 -0.23
CA LYS B 25 -8.15 8.46 -0.74
C LYS B 25 -6.97 9.45 -0.77
N ALA B 26 -6.08 9.45 0.22
CA ALA B 26 -4.88 10.34 0.17
C ALA B 26 -4.10 10.05 -1.11
N VAL B 27 -3.84 8.77 -1.41
CA VAL B 27 -3.05 8.41 -2.61
C VAL B 27 -3.80 8.78 -3.90
N GLU B 28 -5.12 8.57 -3.96
CA GLU B 28 -5.98 8.89 -5.15
C GLU B 28 -5.98 10.39 -5.40
N GLU B 29 -6.10 11.20 -4.35
CA GLU B 29 -6.18 12.68 -4.48
C GLU B 29 -4.79 13.28 -4.68
N LYS B 30 -3.76 12.87 -3.93
CA LYS B 30 -2.53 13.68 -3.79
C LYS B 30 -1.40 13.05 -4.61
N ALA B 31 -1.62 11.86 -5.18
CA ALA B 31 -0.64 11.16 -6.04
C ALA B 31 0.64 11.03 -5.22
N PHE B 32 1.77 11.58 -5.69
CA PHE B 32 3.02 11.64 -4.89
C PHE B 32 3.52 13.08 -4.79
N ASN B 33 2.60 13.98 -4.45
CA ASN B 33 2.91 15.28 -3.83
C ASN B 33 3.59 14.97 -2.51
N PRO B 34 4.53 15.84 -2.11
CA PRO B 34 5.33 15.63 -0.90
C PRO B 34 4.49 15.50 0.38
N GLU B 35 3.31 16.09 0.44
CA GLU B 35 2.49 16.01 1.67
C GLU B 35 1.94 14.57 1.89
N VAL B 36 2.05 13.67 0.91
CA VAL B 36 1.57 12.27 1.07
CA VAL B 36 1.60 12.26 1.04
C VAL B 36 2.45 11.57 2.12
N ILE B 37 3.71 11.99 2.30
CA ILE B 37 4.65 11.31 3.25
C ILE B 37 4.17 11.55 4.68
N PRO B 38 4.01 12.81 5.15
CA PRO B 38 3.44 13.05 6.47
C PRO B 38 2.08 12.39 6.68
N MET B 39 1.21 12.32 5.66
CA MET B 39 -0.09 11.63 5.78
CA MET B 39 -0.11 11.63 5.78
C MET B 39 0.16 10.13 6.03
N PHE B 40 1.09 9.54 5.29
CA PHE B 40 1.49 8.12 5.47
C PHE B 40 1.97 7.91 6.90
N MET B 41 2.83 8.79 7.41
CA MET B 41 3.40 8.62 8.77
C MET B 41 2.27 8.71 9.79
N ALA B 42 1.33 9.64 9.62
CA ALA B 42 0.23 9.81 10.59
C ALA B 42 -0.70 8.57 10.56
N LEU B 43 -1.10 8.12 9.37
CA LEU B 43 -2.15 7.08 9.26
C LEU B 43 -1.56 5.69 9.59
N SER B 44 -0.23 5.53 9.56
CA SER B 44 0.47 4.25 9.86
C SER B 44 0.93 4.19 11.31
N CYS B 45 0.54 5.15 12.14
CA CYS B 45 0.90 5.19 13.57
C CYS B 45 0.53 3.87 14.26
N GLY B 46 1.47 3.28 15.00
CA GLY B 46 1.35 1.98 15.68
C GLY B 46 1.29 0.76 14.75
N ALA B 47 1.52 0.91 13.45
CA ALA B 47 1.38 -0.17 12.44
C ALA B 47 2.35 -1.34 12.73
N THR B 48 1.88 -2.57 12.52
CA THR B 48 2.74 -3.77 12.33
C THR B 48 3.21 -3.75 10.89
N PRO B 49 4.30 -4.48 10.53
CA PRO B 49 4.62 -4.71 9.12
C PRO B 49 3.43 -5.19 8.28
N GLN B 50 2.56 -6.00 8.87
CA GLN B 50 1.38 -6.56 8.18
C GLN B 50 0.48 -5.40 7.78
N ASP B 51 0.17 -4.51 8.73
CA ASP B 51 -0.61 -3.27 8.50
C ASP B 51 0.06 -2.41 7.42
N LEU B 52 1.38 -2.25 7.45
CA LEU B 52 2.07 -1.41 6.44
C LEU B 52 1.90 -2.02 5.04
N ASN B 53 2.07 -3.34 4.92
CA ASN B 53 1.83 -4.05 3.64
C ASN B 53 0.35 -3.87 3.20
N THR B 54 -0.61 -3.99 4.11
CA THR B 54 -2.04 -3.72 3.79
C THR B 54 -2.16 -2.35 3.14
N MET B 55 -1.62 -1.32 3.79
CA MET B 55 -1.70 0.08 3.31
C MET B 55 -1.07 0.20 1.90
N LEU B 56 0.09 -0.38 1.65
CA LEU B 56 0.74 -0.28 0.31
C LEU B 56 -0.05 -1.13 -0.71
N ASN B 57 -0.45 -2.34 -0.34
CA ASN B 57 -1.09 -3.29 -1.27
C ASN B 57 -2.47 -2.80 -1.70
N THR B 58 -3.17 -2.03 -0.88
CA THR B 58 -4.55 -1.58 -1.24
C THR B 58 -4.49 -0.50 -2.32
N ILE B 59 -3.33 0.07 -2.62
CA ILE B 59 -3.16 1.03 -3.75
CA ILE B 59 -3.19 1.04 -3.75
C ILE B 59 -3.32 0.26 -5.06
N GLY B 60 -4.23 0.69 -5.94
CA GLY B 60 -4.53 0.02 -7.22
C GLY B 60 -3.74 0.61 -8.41
N GLY B 61 -3.51 1.91 -8.45
CA GLY B 61 -2.72 2.48 -9.55
C GLY B 61 -1.25 2.60 -9.18
N HIS B 62 -0.53 3.41 -9.93
CA HIS B 62 0.86 3.80 -9.58
C HIS B 62 1.73 2.53 -9.43
N GLN B 63 1.51 1.49 -10.22
CA GLN B 63 2.27 0.23 -10.00
C GLN B 63 3.77 0.41 -10.39
N ALA B 64 4.13 1.34 -11.27
CA ALA B 64 5.55 1.68 -11.53
C ALA B 64 6.19 2.15 -10.21
N ALA B 65 5.54 3.07 -9.53
CA ALA B 65 6.00 3.60 -8.23
C ALA B 65 6.07 2.47 -7.21
N MET B 66 5.09 1.57 -7.17
CA MET B 66 5.05 0.48 -6.16
CA MET B 66 5.07 0.51 -6.12
C MET B 66 6.25 -0.45 -6.36
N GLN B 67 6.69 -0.66 -7.59
CA GLN B 67 7.89 -1.49 -7.89
C GLN B 67 9.18 -0.73 -7.48
N ILE B 68 9.28 0.57 -7.72
CA ILE B 68 10.39 1.42 -7.20
C ILE B 68 10.43 1.31 -5.67
N LEU B 69 9.29 1.43 -5.00
CA LEU B 69 9.20 1.29 -3.52
C LEU B 69 9.75 -0.06 -3.08
N LYS B 70 9.35 -1.15 -3.75
CA LYS B 70 9.86 -2.51 -3.41
C LYS B 70 11.38 -2.59 -3.57
N GLU B 71 11.96 -2.01 -4.63
CA GLU B 71 13.45 -2.05 -4.82
C GLU B 71 14.09 -1.40 -3.58
N VAL B 72 13.56 -0.27 -3.11
CA VAL B 72 14.13 0.47 -1.97
C VAL B 72 14.00 -0.40 -0.71
N ILE B 73 12.83 -1.00 -0.51
CA ILE B 73 12.60 -1.86 0.68
C ILE B 73 13.61 -3.01 0.67
N ASN B 74 13.83 -3.64 -0.49
CA ASN B 74 14.75 -4.80 -0.65
C ASN B 74 16.19 -4.36 -0.37
N ASP B 75 16.59 -3.19 -0.86
CA ASP B 75 17.90 -2.56 -0.53
C ASP B 75 18.02 -2.37 0.98
N GLU B 76 17.01 -1.80 1.64
CA GLU B 76 17.09 -1.54 3.11
C GLU B 76 17.13 -2.88 3.84
N ALA B 77 16.41 -3.88 3.33
CA ALA B 77 16.35 -5.25 3.89
C ALA B 77 17.75 -5.89 3.86
N ALA B 78 18.40 -5.87 2.69
CA ALA B 78 19.76 -6.43 2.48
C ALA B 78 20.73 -5.71 3.43
N GLU B 79 20.66 -4.39 3.49
CA GLU B 79 21.54 -3.59 4.38
C GLU B 79 21.34 -4.03 5.84
N TRP B 80 20.11 -4.29 6.28
CA TRP B 80 19.83 -4.70 7.67
C TRP B 80 20.52 -6.06 7.96
N ASP B 81 20.38 -7.01 7.04
CA ASP B 81 20.93 -8.38 7.12
C ASP B 81 22.46 -8.32 7.17
N ARG B 82 23.05 -7.41 6.39
CA ARG B 82 24.52 -7.19 6.35
C ARG B 82 24.99 -6.73 7.74
N THR B 83 24.35 -5.72 8.34
CA THR B 83 24.75 -5.11 9.63
C THR B 83 24.15 -5.86 10.83
N HIS B 84 23.43 -6.96 10.62
CA HIS B 84 22.88 -7.83 11.71
C HIS B 84 23.00 -9.28 11.28
N PRO B 85 24.17 -9.95 11.50
CA PRO B 85 24.24 -11.41 11.37
C PRO B 85 23.21 -12.13 12.26
N GLN B 95 13.59 -15.45 23.79
CA GLN B 95 12.29 -16.07 23.43
C GLN B 95 12.04 -15.92 21.92
N MET B 96 12.14 -14.71 21.35
CA MET B 96 12.00 -14.49 19.88
C MET B 96 13.35 -14.69 19.19
N ARG B 97 13.37 -15.47 18.08
CA ARG B 97 14.47 -15.45 17.08
C ARG B 97 14.70 -14.00 16.67
N GLU B 98 15.92 -13.61 16.31
CA GLU B 98 16.21 -12.23 15.84
C GLU B 98 15.56 -12.02 14.47
N PRO B 99 15.05 -10.80 14.17
CA PRO B 99 14.43 -10.52 12.88
C PRO B 99 15.44 -10.36 11.74
N ARG B 100 15.17 -10.95 10.57
CA ARG B 100 15.87 -10.67 9.29
C ARG B 100 15.18 -9.48 8.60
N GLY B 101 15.79 -8.96 7.52
CA GLY B 101 15.24 -7.85 6.73
C GLY B 101 13.85 -8.17 6.25
N SER B 102 13.65 -9.40 5.77
CA SER B 102 12.36 -9.91 5.21
C SER B 102 11.33 -10.10 6.34
N ASP B 103 11.76 -10.20 7.60
CA ASP B 103 10.83 -10.30 8.77
C ASP B 103 10.32 -8.91 9.11
N ILE B 104 11.19 -7.90 9.03
CA ILE B 104 10.82 -6.47 9.28
C ILE B 104 9.83 -6.02 8.20
N ALA B 105 10.05 -6.40 6.93
CA ALA B 105 9.17 -6.04 5.80
C ALA B 105 7.92 -6.91 5.77
N GLY B 106 7.78 -7.87 6.69
CA GLY B 106 6.54 -8.65 6.93
C GLY B 106 6.29 -9.75 5.90
N THR B 107 7.31 -10.12 5.12
CA THR B 107 7.29 -11.17 4.07
C THR B 107 7.47 -12.56 4.70
N THR B 108 8.41 -12.71 5.63
CA THR B 108 8.81 -14.02 6.22
C THR B 108 8.47 -14.07 7.70
N SER B 109 7.73 -13.08 8.22
CA SER B 109 7.33 -13.03 9.64
C SER B 109 5.81 -13.17 9.71
N SER B 110 5.31 -13.81 10.75
CA SER B 110 3.86 -13.88 11.07
C SER B 110 3.47 -12.64 11.90
N LEU B 111 2.18 -12.36 11.95
CA LEU B 111 1.62 -11.31 12.83
C LEU B 111 2.13 -11.58 14.26
N GLU B 112 2.09 -12.84 14.69
CA GLU B 112 2.39 -13.25 16.08
C GLU B 112 3.82 -12.84 16.40
N GLU B 113 4.74 -13.10 15.47
CA GLU B 113 6.18 -12.76 15.57
C GLU B 113 6.33 -11.23 15.63
N GLN B 114 5.66 -10.51 14.73
CA GLN B 114 5.71 -9.03 14.62
C GLN B 114 5.29 -8.41 15.96
N VAL B 115 4.13 -8.82 16.49
CA VAL B 115 3.60 -8.34 17.80
C VAL B 115 4.57 -8.77 18.92
N GLY B 116 5.06 -10.02 18.88
CA GLY B 116 6.10 -10.50 19.80
C GLY B 116 7.24 -9.50 19.90
N TRP B 117 7.84 -9.14 18.75
CA TRP B 117 9.03 -8.25 18.70
C TRP B 117 8.66 -6.86 19.26
N MET B 118 7.50 -6.35 18.86
CA MET B 118 7.07 -4.96 19.15
C MET B 118 6.71 -4.84 20.64
N THR B 119 6.44 -5.95 21.33
CA THR B 119 6.04 -5.97 22.76
C THR B 119 7.07 -6.74 23.60
N ALA B 120 8.24 -7.07 23.03
CA ALA B 120 9.35 -7.74 23.73
C ALA B 120 10.01 -6.75 24.71
N ASN B 121 10.74 -7.29 25.69
CA ASN B 121 11.54 -6.51 26.69
C ASN B 121 13.02 -6.79 26.44
N PRO B 122 13.78 -5.86 25.81
CA PRO B 122 13.27 -4.60 25.27
C PRO B 122 12.57 -4.82 23.93
N PRO B 123 11.76 -3.85 23.45
CA PRO B 123 11.03 -4.02 22.19
C PRO B 123 11.95 -3.85 20.98
N ILE B 124 11.71 -4.64 19.93
CA ILE B 124 12.29 -4.40 18.58
C ILE B 124 11.16 -3.85 17.73
N PRO B 125 11.16 -2.52 17.48
CA PRO B 125 10.05 -1.85 16.81
C PRO B 125 10.09 -2.10 15.29
N VAL B 126 9.75 -3.32 14.85
CA VAL B 126 9.87 -3.75 13.44
C VAL B 126 8.92 -2.89 12.60
N GLY B 127 7.81 -2.46 13.20
CA GLY B 127 6.85 -1.55 12.56
C GLY B 127 7.50 -0.24 12.21
N ASP B 128 8.18 0.38 13.17
CA ASP B 128 8.82 1.71 13.00
C ASP B 128 10.01 1.56 12.05
N ILE B 129 10.73 0.44 12.08
CA ILE B 129 11.91 0.23 11.18
C ILE B 129 11.38 0.14 9.76
N TYR B 130 10.34 -0.66 9.54
CA TYR B 130 9.75 -0.83 8.19
C TYR B 130 9.17 0.52 7.69
N ARG B 131 8.47 1.26 8.54
CA ARG B 131 7.91 2.58 8.15
CA ARG B 131 7.90 2.60 8.17
C ARG B 131 9.04 3.48 7.64
N ARG B 132 10.19 3.47 8.32
CA ARG B 132 11.38 4.27 7.90
C ARG B 132 11.77 3.87 6.46
N TRP B 133 11.85 2.58 6.17
CA TRP B 133 12.24 2.08 4.82
C TRP B 133 11.24 2.56 3.78
N ILE B 134 9.95 2.52 4.13
CA ILE B 134 8.85 2.91 3.21
C ILE B 134 8.98 4.40 2.91
N VAL B 135 9.20 5.22 3.93
CA VAL B 135 9.37 6.70 3.76
C VAL B 135 10.57 6.98 2.84
N LEU B 136 11.67 6.26 2.98
CA LEU B 136 12.83 6.40 2.08
C LEU B 136 12.38 6.17 0.63
N GLY B 137 11.57 5.12 0.41
CA GLY B 137 11.02 4.81 -0.92
C GLY B 137 10.07 5.88 -1.38
N LEU B 138 9.19 6.36 -0.50
CA LEU B 138 8.22 7.41 -0.90
C LEU B 138 8.96 8.71 -1.26
N ASN B 139 10.01 9.07 -0.52
CA ASN B 139 10.83 10.28 -0.81
C ASN B 139 11.39 10.19 -2.23
N LYS B 140 11.91 9.02 -2.57
CA LYS B 140 12.51 8.76 -3.90
C LYS B 140 11.43 8.96 -4.96
N ILE B 141 10.22 8.43 -4.72
CA ILE B 141 9.12 8.55 -5.72
C ILE B 141 8.72 10.01 -5.84
N VAL B 142 8.60 10.68 -4.71
CA VAL B 142 8.18 12.12 -4.70
C VAL B 142 9.16 12.93 -5.57
N LYS B 143 10.46 12.73 -5.41
CA LYS B 143 11.46 13.44 -6.26
C LYS B 143 11.34 13.00 -7.72
N MET B 144 11.18 11.72 -7.98
CA MET B 144 11.06 11.27 -9.39
C MET B 144 9.85 11.94 -10.04
N TYR B 145 8.71 12.00 -9.37
CA TYR B 145 7.44 12.51 -9.96
C TYR B 145 7.36 14.07 -9.92
N SER B 146 8.24 14.75 -9.19
CA SER B 146 8.25 16.25 -9.16
C SER B 146 8.27 16.72 -10.61
N PRO B 147 7.25 17.43 -11.11
CA PRO B 147 7.18 17.71 -12.55
C PRO B 147 8.04 18.89 -13.05
N VAL B 148 8.45 19.83 -12.18
CA VAL B 148 9.10 21.10 -12.63
C VAL B 148 10.35 21.34 -11.78
N SER B 149 11.46 21.66 -12.42
CA SER B 149 12.71 22.11 -11.78
C SER B 149 12.48 23.50 -11.16
N ILE B 150 13.06 23.74 -9.98
CA ILE B 150 13.10 25.10 -9.38
C ILE B 150 13.67 26.10 -10.40
N LEU B 151 14.55 25.67 -11.32
CA LEU B 151 15.15 26.59 -12.32
C LEU B 151 14.07 27.18 -13.23
N ASP B 152 12.92 26.49 -13.38
CA ASP B 152 11.85 26.95 -14.29
C ASP B 152 10.72 27.65 -13.52
N ILE B 153 10.89 27.94 -12.22
CA ILE B 153 9.86 28.68 -11.44
C ILE B 153 10.21 30.15 -11.52
N LYS B 154 9.47 30.88 -12.35
CA LYS B 154 9.73 32.31 -12.65
C LYS B 154 8.44 33.09 -12.47
N GLN B 155 8.48 34.21 -11.76
CA GLN B 155 7.25 34.99 -11.52
C GLN B 155 6.70 35.48 -12.88
N GLY B 156 5.43 35.22 -13.16
CA GLY B 156 4.72 35.81 -14.32
C GLY B 156 4.71 37.33 -14.24
N PRO B 157 4.54 38.04 -15.38
CA PRO B 157 4.54 39.51 -15.35
C PRO B 157 3.37 40.11 -14.55
N LYS B 158 2.28 39.35 -14.36
CA LYS B 158 1.06 39.82 -13.67
C LYS B 158 0.74 38.90 -12.49
N GLU B 159 1.62 37.94 -12.17
CA GLU B 159 1.42 36.97 -11.07
C GLU B 159 1.72 37.67 -9.76
N PRO B 160 0.78 37.70 -8.79
CA PRO B 160 1.09 38.19 -7.46
C PRO B 160 2.32 37.46 -6.87
N PHE B 161 3.16 38.17 -6.15
CA PHE B 161 4.41 37.63 -5.56
C PHE B 161 4.07 36.43 -4.66
N ARG B 162 3.02 36.53 -3.83
CA ARG B 162 2.59 35.44 -2.92
C ARG B 162 2.37 34.16 -3.71
N ASP B 163 1.72 34.21 -4.89
CA ASP B 163 1.42 33.02 -5.74
C ASP B 163 2.73 32.46 -6.28
N TYR B 164 3.67 33.31 -6.68
CA TYR B 164 5.01 32.87 -7.13
C TYR B 164 5.79 32.20 -5.98
N VAL B 165 5.79 32.80 -4.78
CA VAL B 165 6.49 32.22 -3.58
C VAL B 165 5.86 30.87 -3.24
N ASP B 166 4.53 30.76 -3.34
CA ASP B 166 3.83 29.48 -3.12
C ASP B 166 4.38 28.41 -4.09
N ARG B 167 4.51 28.76 -5.38
CA ARG B 167 4.95 27.78 -6.43
C ARG B 167 6.43 27.44 -6.18
N PHE B 168 7.21 28.43 -5.77
CA PHE B 168 8.65 28.28 -5.51
C PHE B 168 8.89 27.27 -4.39
N TYR B 169 8.29 27.51 -3.22
CA TYR B 169 8.52 26.61 -2.06
C TYR B 169 7.80 25.27 -2.27
N LYS B 170 6.69 25.20 -3.00
CA LYS B 170 6.04 23.88 -3.32
C LYS B 170 7.03 23.07 -4.19
N THR B 171 7.65 23.72 -5.18
CA THR B 171 8.64 23.04 -6.09
C THR B 171 9.84 22.59 -5.27
N LEU B 172 10.42 23.43 -4.39
CA LEU B 172 11.60 23.00 -3.63
C LEU B 172 11.25 21.79 -2.75
N ARG B 173 10.06 21.83 -2.16
CA ARG B 173 9.60 20.73 -1.27
C ARG B 173 9.59 19.38 -2.05
N ALA B 174 9.02 19.35 -3.25
CA ALA B 174 8.90 18.13 -4.09
C ALA B 174 10.26 17.71 -4.63
N GLU B 175 11.11 18.66 -5.02
CA GLU B 175 12.44 18.39 -5.62
C GLU B 175 13.33 17.82 -4.53
N GLN B 176 13.08 18.16 -3.28
CA GLN B 176 13.97 17.76 -2.18
C GLN B 176 13.20 16.80 -1.26
N ALA B 177 11.95 16.47 -1.60
CA ALA B 177 11.03 15.70 -0.73
C ALA B 177 11.20 16.20 0.71
N SER B 178 11.05 17.51 0.98
CA SER B 178 11.46 18.15 2.26
C SER B 178 11.15 19.66 2.26
N GLN B 179 10.76 20.21 3.42
CA GLN B 179 10.40 21.64 3.61
C GLN B 179 11.55 22.46 4.23
N ASP B 180 12.71 21.84 4.55
CA ASP B 180 13.93 22.57 4.98
C ASP B 180 14.70 23.01 3.73
N VAL B 181 14.14 23.99 3.05
CA VAL B 181 14.58 24.44 1.70
C VAL B 181 14.94 25.94 1.72
N LYS B 182 14.63 26.67 2.79
CA LYS B 182 14.87 28.14 2.86
C LYS B 182 16.26 28.37 3.45
N ASN B 183 17.03 29.27 2.83
CA ASN B 183 18.43 29.62 3.21
C ASN B 183 18.89 30.74 2.28
N ALA B 184 20.07 31.32 2.51
CA ALA B 184 20.55 32.57 1.87
C ALA B 184 20.60 32.41 0.34
N ALA B 185 20.93 31.20 -0.13
CA ALA B 185 21.06 30.89 -1.57
C ALA B 185 19.68 30.70 -2.22
N THR B 186 18.70 30.06 -1.55
CA THR B 186 17.32 29.96 -2.14
C THR B 186 16.68 31.35 -2.11
N ASP B 187 16.90 32.15 -1.07
CA ASP B 187 16.52 33.60 -1.06
C ASP B 187 17.05 34.30 -2.31
N THR B 188 18.33 34.11 -2.64
CA THR B 188 18.95 34.71 -3.86
C THR B 188 18.22 34.21 -5.12
N LEU B 189 17.95 32.92 -5.24
CA LEU B 189 17.24 32.37 -6.41
C LEU B 189 15.81 32.93 -6.47
N LEU B 190 15.13 33.06 -5.34
CA LEU B 190 13.74 33.61 -5.32
C LEU B 190 13.76 35.02 -5.93
N ILE B 191 14.77 35.82 -5.59
CA ILE B 191 14.94 37.19 -6.11
C ILE B 191 15.29 37.15 -7.60
N GLN B 192 16.20 36.29 -8.00
CA GLN B 192 16.71 36.18 -9.39
C GLN B 192 15.53 35.92 -10.34
N ASN B 193 14.61 35.04 -9.93
CA ASN B 193 13.51 34.51 -10.77
C ASN B 193 12.24 35.36 -10.59
N ALA B 194 12.26 36.43 -9.78
CA ALA B 194 11.12 37.36 -9.66
C ALA B 194 11.01 38.21 -10.93
N ASN B 195 9.83 38.80 -11.18
CA ASN B 195 9.59 39.64 -12.39
C ASN B 195 10.35 40.95 -12.20
N PRO B 196 10.58 41.73 -13.28
CA PRO B 196 11.44 42.92 -13.19
C PRO B 196 11.00 43.91 -12.11
N ASP B 197 9.70 44.21 -12.04
CA ASP B 197 9.14 45.16 -11.05
C ASP B 197 9.51 44.69 -9.63
N CYS B 198 9.09 43.47 -9.26
CA CYS B 198 9.31 42.95 -7.90
CA CYS B 198 9.31 42.90 -7.91
C CYS B 198 10.82 42.73 -7.69
N LYS B 199 11.54 42.28 -8.71
CA LYS B 199 13.01 42.10 -8.57
C LYS B 199 13.67 43.42 -8.16
N ASN B 200 13.32 44.50 -8.83
CA ASN B 200 13.91 45.84 -8.53
C ASN B 200 13.64 46.21 -7.07
N ILE B 201 12.41 45.98 -6.59
CA ILE B 201 11.99 46.25 -5.18
C ILE B 201 12.79 45.36 -4.21
N LEU B 202 12.89 44.05 -4.50
CA LEU B 202 13.62 43.08 -3.63
C LEU B 202 15.10 43.43 -3.51
N ARG B 203 15.75 43.84 -4.60
CA ARG B 203 17.18 44.25 -4.57
C ARG B 203 17.35 45.46 -3.66
N ALA B 204 16.46 46.44 -3.73
CA ALA B 204 16.56 47.69 -2.94
C ALA B 204 16.41 47.40 -1.44
N LEU B 205 15.80 46.27 -1.04
CA LEU B 205 15.72 45.87 0.41
C LEU B 205 17.13 45.62 0.94
N GLY B 206 18.05 45.20 0.06
CA GLY B 206 19.42 44.81 0.42
C GLY B 206 19.47 43.36 0.92
N PRO B 207 20.67 42.85 1.27
CA PRO B 207 20.83 41.43 1.63
C PRO B 207 20.20 41.10 2.98
N GLY B 208 19.82 39.84 3.19
CA GLY B 208 19.34 39.32 4.50
C GLY B 208 17.87 39.65 4.79
N ALA B 209 17.14 40.27 3.85
CA ALA B 209 15.68 40.49 3.94
C ALA B 209 14.98 39.17 4.29
N THR B 210 14.16 39.16 5.34
CA THR B 210 13.28 38.01 5.68
C THR B 210 12.22 37.79 4.58
N LEU B 211 11.63 36.61 4.56
CA LEU B 211 10.51 36.29 3.65
C LEU B 211 9.32 37.22 3.93
N GLU B 212 9.01 37.48 5.20
CA GLU B 212 7.96 38.44 5.58
C GLU B 212 8.21 39.79 4.89
N GLU B 213 9.41 40.34 5.03
CA GLU B 213 9.77 41.66 4.45
C GLU B 213 9.72 41.63 2.91
N MET B 214 10.17 40.54 2.28
CA MET B 214 10.10 40.43 0.79
C MET B 214 8.62 40.38 0.37
N MET B 215 7.82 39.56 1.04
CA MET B 215 6.39 39.40 0.68
C MET B 215 5.62 40.70 0.94
N THR B 216 5.95 41.44 2.01
CA THR B 216 5.36 42.77 2.32
C THR B 216 5.75 43.76 1.21
N ALA B 217 7.01 43.76 0.75
CA ALA B 217 7.56 44.79 -0.17
C ALA B 217 6.99 44.62 -1.57
N CYS B 218 6.67 43.39 -2.00
CA CYS B 218 6.12 43.14 -3.35
C CYS B 218 4.60 43.00 -3.29
N GLN B 219 4.00 43.19 -2.11
CA GLN B 219 2.53 43.15 -1.97
C GLN B 219 1.97 44.44 -2.57
#